data_4KTE
#
_entry.id   4KTE
#
_cell.length_a   42.710
_cell.length_b   72.040
_cell.length_c   175.740
_cell.angle_alpha   90.000
_cell.angle_beta   90.000
_cell.angle_gamma   90.000
#
_symmetry.space_group_name_H-M   'P 21 21 21'
#
loop_
_entity.id
_entity.type
_entity.pdbx_description
1 polymer 'GE148 Heavy Chain Fab'
2 polymer 'GE148 Light Chain Fab'
3 non-polymer 'SULFATE ION'
4 non-polymer GLYCEROL
5 water water
#
loop_
_entity_poly.entity_id
_entity_poly.type
_entity_poly.pdbx_seq_one_letter_code
_entity_poly.pdbx_strand_id
1 'polypeptide(L)'
;(PCA)LQLQESGPGLLKPSETLSLTCAVSGGSISGGYGWGWIRQPPGKGLEWIGSIYSSSGSTDYNPSLKSRVTISTDTS
KNQLSLKLSSVTAADTAVYYCARVQNIVVVFTIKEFFELWGQGALVTVSSASTKGPSVFPLAPSSKSTSGGTAALGCLVK
DYFPEPVTVSWNSGALTSGVHTFPAVLQSSGLYSLSSVVTVPSSSLGTQTYICNVNHKPSNTKVDKRVEPKSHHHHHHP
;
H
2 'polypeptide(L)'
;(PCA)PVLTQPTFLSASPGASARLSCTLSSGINVGSYSIFWYQQKPGSPPRYLLYYYSDSSKYQGSGVPSRFSGSKDASA
NAGLLLISGLQSEDEADYYCAIWHNFACVFGGGTRLTVLGQPKAAPSVTLFPPSSEELQANKATLVCLISDFYPGAVTVA
WKADSSPVKAGVETTTPSKQSNNKYAASSYLSLTPEQWKSHRSYSCQVTHEGSTVEKTVAPTECS
;
L
#
# COMPACT_ATOMS: atom_id res chain seq x y z
N LEU A 2 -3.92 23.42 -1.96
CA LEU A 2 -3.45 22.97 -0.67
C LEU A 2 -2.85 21.57 -0.81
N GLN A 3 -1.85 21.25 0.00
CA GLN A 3 -1.34 19.89 0.12
C GLN A 3 -1.08 19.57 1.57
N LEU A 4 -1.22 18.29 1.91
CA LEU A 4 -1.06 17.83 3.28
C LEU A 4 0.25 17.06 3.39
N GLN A 5 1.13 17.50 4.29
CA GLN A 5 2.42 16.82 4.48
C GLN A 5 2.39 16.10 5.81
N GLU A 6 2.18 14.79 5.77
CA GLU A 6 2.00 14.02 7.00
C GLU A 6 3.32 13.58 7.63
N SER A 7 3.35 13.49 8.97
CA SER A 7 4.54 13.03 9.68
C SER A 7 4.78 11.55 9.38
N GLY A 8 5.91 11.02 9.84
CA GLY A 8 6.38 9.73 9.36
C GLY A 8 5.93 8.51 10.15
N PRO A 9 6.23 7.32 9.62
CA PRO A 9 5.85 6.04 10.23
C PRO A 9 6.74 5.72 11.43
N GLY A 10 6.27 4.86 12.32
CA GLY A 10 7.08 4.49 13.46
C GLY A 10 6.42 3.46 14.33
N LEU A 11 7.16 2.98 15.33
CA LEU A 11 6.73 1.92 16.24
C LEU A 11 6.39 2.53 17.61
N LEU A 12 5.34 2.01 18.24
CA LEU A 12 4.96 2.37 19.60
C LEU A 12 4.87 1.10 20.43
N LYS A 13 5.16 1.20 21.72
CA LYS A 13 4.89 0.09 22.63
C LYS A 13 3.43 0.18 23.06
N PRO A 14 2.79 -0.97 23.36
CA PRO A 14 1.43 -0.88 23.89
C PRO A 14 1.37 0.02 25.14
N SER A 15 0.27 0.78 25.24
CA SER A 15 -0.04 1.72 26.34
C SER A 15 0.45 3.15 26.08
N GLU A 16 1.30 3.32 25.06
CA GLU A 16 1.80 4.64 24.72
C GLU A 16 0.76 5.44 23.94
N THR A 17 1.06 6.72 23.74
CA THR A 17 0.14 7.59 23.00
C THR A 17 0.67 7.81 21.59
N LEU A 18 -0.17 7.53 20.59
CA LEU A 18 0.17 7.80 19.20
C LEU A 18 0.07 9.30 19.00
N SER A 19 1.03 9.88 18.29
CA SER A 19 0.97 11.31 17.99
C SER A 19 1.41 11.55 16.56
N LEU A 20 0.49 12.05 15.73
CA LEU A 20 0.79 12.34 14.34
C LEU A 20 0.46 13.78 14.03
N THR A 21 1.18 14.37 13.09
CA THR A 21 0.83 15.72 12.63
C THR A 21 0.74 15.76 11.13
N CYS A 22 0.10 16.81 10.63
CA CYS A 22 -0.03 17.02 9.20
C CYS A 22 0.21 18.51 9.00
N ALA A 23 1.21 18.87 8.20
CA ALA A 23 1.45 20.28 7.90
C ALA A 23 0.73 20.63 6.60
N VAL A 24 -0.06 21.69 6.62
CA VAL A 24 -0.72 22.16 5.40
C VAL A 24 0.21 23.11 4.67
N SER A 25 0.43 22.87 3.37
CA SER A 25 1.20 23.80 2.56
C SER A 25 0.36 24.31 1.40
N GLY A 26 0.82 25.38 0.77
CA GLY A 26 0.11 25.93 -0.39
C GLY A 26 -1.12 26.76 -0.03
N GLY A 27 -1.36 26.94 1.27
CA GLY A 27 -2.41 27.84 1.74
C GLY A 27 -2.68 27.63 3.21
N SER A 28 -3.84 28.08 3.67
CA SER A 28 -4.13 28.14 5.10
C SER A 28 -4.93 26.97 5.65
N ILE A 29 -4.65 26.59 6.89
CA ILE A 29 -5.42 25.56 7.56
C ILE A 29 -6.82 26.07 7.92
N SER A 30 -6.98 27.39 7.89
CA SER A 30 -8.24 28.05 8.20
C SER A 30 -9.00 28.44 6.94
N GLY A 31 -10.30 28.69 7.07
CA GLY A 31 -11.07 29.28 6.00
C GLY A 31 -11.89 28.25 5.24
N GLY A 32 -11.59 26.98 5.50
CA GLY A 32 -12.32 25.90 4.87
C GLY A 32 -13.32 25.27 5.84
N TYR A 33 -13.78 24.06 5.53
CA TYR A 33 -14.80 23.43 6.38
C TYR A 33 -14.21 22.67 7.56
N GLY A 34 -13.22 21.83 7.30
CA GLY A 34 -12.64 21.05 8.37
C GLY A 34 -11.57 20.07 7.89
N TRP A 35 -11.21 19.19 8.81
CA TRP A 35 -10.09 18.27 8.65
C TRP A 35 -10.46 16.98 9.34
N GLY A 36 -9.81 15.88 8.99
CA GLY A 36 -10.14 14.64 9.65
C GLY A 36 -9.03 13.63 9.58
N TRP A 37 -9.22 12.51 10.27
CA TRP A 37 -8.25 11.40 10.25
C TRP A 37 -9.01 10.12 9.97
N ILE A 38 -8.39 9.28 9.15
CA ILE A 38 -8.95 7.98 8.75
C ILE A 38 -7.82 6.97 8.87
N ARG A 39 -8.10 5.74 9.28
CA ARG A 39 -7.02 4.75 9.31
C ARG A 39 -7.38 3.46 8.60
N GLN A 40 -6.36 2.64 8.35
CA GLN A 40 -6.53 1.42 7.57
C GLN A 40 -5.51 0.37 8.03
N PRO A 41 -5.95 -0.62 8.80
CA PRO A 41 -5.03 -1.71 9.14
C PRO A 41 -4.57 -2.41 7.85
N PRO A 42 -3.31 -2.90 7.83
CA PRO A 42 -2.79 -3.59 6.64
C PRO A 42 -3.75 -4.68 6.13
N GLY A 43 -4.08 -4.62 4.84
CA GLY A 43 -4.95 -5.62 4.23
C GLY A 43 -6.42 -5.50 4.58
N LYS A 44 -6.80 -4.45 5.31
CA LYS A 44 -8.18 -4.27 5.75
C LYS A 44 -8.77 -2.98 5.19
N GLY A 45 -9.98 -2.64 5.63
CA GLY A 45 -10.70 -1.51 5.07
C GLY A 45 -10.51 -0.20 5.82
N LEU A 46 -11.17 0.85 5.35
CA LEU A 46 -11.03 2.19 5.94
C LEU A 46 -11.90 2.35 7.19
N GLU A 47 -11.39 3.09 8.17
CA GLU A 47 -12.15 3.42 9.38
C GLU A 47 -11.93 4.90 9.73
N TRP A 48 -13.01 5.67 9.76
CA TRP A 48 -12.93 7.07 10.14
C TRP A 48 -12.66 7.20 11.65
N ILE A 49 -11.74 8.08 12.01
CA ILE A 49 -11.38 8.28 13.41
C ILE A 49 -12.10 9.50 13.99
N GLY A 50 -12.09 10.59 13.23
CA GLY A 50 -12.79 11.78 13.69
C GLY A 50 -12.53 12.96 12.78
N SER A 51 -13.29 14.02 13.02
CA SER A 51 -13.15 15.24 12.24
C SER A 51 -13.16 16.46 13.15
N ILE A 52 -12.57 17.56 12.68
CA ILE A 52 -12.63 18.82 13.40
C ILE A 52 -13.09 19.91 12.44
N TYR A 53 -13.93 20.83 12.92
CA TYR A 53 -14.53 21.83 12.04
C TYR A 53 -13.97 23.22 12.29
N SER A 54 -13.59 23.89 11.21
CA SER A 54 -12.80 25.11 11.30
C SER A 54 -13.50 26.32 11.91
N SER A 55 -14.79 26.50 11.61
CA SER A 55 -15.49 27.68 12.09
C SER A 55 -15.68 27.69 13.60
N SER A 56 -15.87 26.50 14.17
CA SER A 56 -16.26 26.39 15.58
C SER A 56 -15.13 25.82 16.44
N GLY A 57 -14.26 25.04 15.81
CA GLY A 57 -13.29 24.25 16.55
C GLY A 57 -13.91 23.00 17.15
N SER A 58 -15.20 22.78 16.86
CA SER A 58 -15.91 21.60 17.34
C SER A 58 -15.37 20.31 16.73
N THR A 59 -15.53 19.20 17.45
CA THR A 59 -15.05 17.92 16.96
C THR A 59 -16.17 16.89 16.94
N ASP A 60 -15.98 15.86 16.11
CA ASP A 60 -16.91 14.76 15.99
C ASP A 60 -16.04 13.54 15.87
N TYR A 61 -16.03 12.69 16.91
CA TYR A 61 -15.15 11.52 16.90
C TYR A 61 -15.97 10.25 16.67
N ASN A 62 -15.32 9.25 16.08
CA ASN A 62 -15.88 7.90 16.02
C ASN A 62 -16.23 7.49 17.46
N PRO A 63 -17.50 7.12 17.72
CA PRO A 63 -17.83 6.86 19.13
C PRO A 63 -17.07 5.70 19.79
N SER A 64 -16.57 4.77 19.00
CA SER A 64 -15.84 3.64 19.55
C SER A 64 -14.42 4.04 19.98
N LEU A 65 -13.96 5.19 19.52
CA LEU A 65 -12.61 5.67 19.81
C LEU A 65 -12.59 6.96 20.63
N LYS A 66 -13.77 7.55 20.85
CA LYS A 66 -13.87 8.89 21.45
C LYS A 66 -13.06 9.05 22.73
N SER A 67 -13.10 8.06 23.62
CA SER A 67 -12.43 8.18 24.91
C SER A 67 -10.91 8.30 24.78
N ARG A 68 -10.37 7.93 23.62
CA ARG A 68 -8.91 7.90 23.44
C ARG A 68 -8.37 8.93 22.46
N VAL A 69 -9.26 9.58 21.71
CA VAL A 69 -8.88 10.47 20.59
C VAL A 69 -8.84 11.96 20.95
N THR A 70 -7.83 12.68 20.44
CA THR A 70 -7.85 14.14 20.45
C THR A 70 -7.41 14.61 19.07
N ILE A 71 -8.24 15.41 18.41
CA ILE A 71 -7.86 16.03 17.14
C ILE A 71 -7.85 17.53 17.38
N SER A 72 -6.81 18.20 16.90
CA SER A 72 -6.70 19.63 17.11
C SER A 72 -5.95 20.28 15.97
N THR A 73 -6.00 21.61 15.91
CA THR A 73 -5.22 22.35 14.93
C THR A 73 -4.46 23.45 15.63
N ASP A 74 -3.36 23.87 15.02
CA ASP A 74 -2.57 24.97 15.55
C ASP A 74 -2.38 25.92 14.38
N THR A 75 -3.05 27.08 14.42
CA THR A 75 -3.05 28.00 13.29
C THR A 75 -1.68 28.60 13.03
N SER A 76 -0.88 28.79 14.08
CA SER A 76 0.43 29.44 13.91
C SER A 76 1.41 28.51 13.19
N LYS A 77 1.22 27.21 13.35
CA LYS A 77 2.05 26.22 12.66
C LYS A 77 1.38 25.68 11.40
N ASN A 78 0.15 26.09 11.15
CA ASN A 78 -0.62 25.58 10.00
C ASN A 78 -0.68 24.05 10.06
N GLN A 79 -0.98 23.52 11.24
CA GLN A 79 -0.75 22.11 11.51
C GLN A 79 -1.96 21.43 12.14
N LEU A 80 -2.25 20.22 11.65
CA LEU A 80 -3.32 19.36 12.17
C LEU A 80 -2.69 18.24 12.97
N SER A 81 -3.32 17.87 14.10
CA SER A 81 -2.76 16.84 14.96
C SER A 81 -3.78 15.78 15.30
N LEU A 82 -3.30 14.56 15.54
CA LEU A 82 -4.09 13.48 16.08
C LEU A 82 -3.34 12.88 17.24
N LYS A 83 -4.01 12.69 18.37
CA LYS A 83 -3.42 11.90 19.45
C LYS A 83 -4.37 10.75 19.73
N LEU A 84 -3.81 9.56 19.96
CA LEU A 84 -4.65 8.42 20.32
C LEU A 84 -3.97 7.73 21.48
N SER A 85 -4.61 7.75 22.63
CA SER A 85 -3.98 7.23 23.85
C SER A 85 -4.17 5.74 24.03
N SER A 86 -3.38 5.19 24.96
CA SER A 86 -3.44 3.77 25.37
C SER A 86 -3.53 2.80 24.20
N VAL A 87 -2.54 2.83 23.31
CA VAL A 87 -2.64 2.03 22.10
C VAL A 87 -2.43 0.56 22.40
N THR A 88 -2.98 -0.28 21.53
CA THR A 88 -2.73 -1.71 21.55
C THR A 88 -2.44 -2.15 20.11
N ALA A 89 -2.16 -3.44 19.93
CA ALA A 89 -1.91 -3.97 18.58
C ALA A 89 -3.08 -3.71 17.63
N ALA A 90 -4.29 -3.57 18.17
CA ALA A 90 -5.46 -3.30 17.32
C ALA A 90 -5.39 -1.94 16.64
N ASP A 91 -4.48 -1.08 17.10
CA ASP A 91 -4.32 0.25 16.52
C ASP A 91 -3.24 0.31 15.44
N THR A 92 -2.58 -0.81 15.16
CA THR A 92 -1.61 -0.84 14.06
C THR A 92 -2.34 -0.57 12.75
N ALA A 93 -1.93 0.48 12.03
CA ALA A 93 -2.64 0.88 10.82
C ALA A 93 -1.88 1.96 10.10
N VAL A 94 -2.18 2.13 8.83
CA VAL A 94 -1.81 3.36 8.14
C VAL A 94 -2.83 4.43 8.51
N TYR A 95 -2.34 5.56 9.02
CA TYR A 95 -3.19 6.67 9.42
C TYR A 95 -3.08 7.77 8.38
N TYR A 96 -4.21 8.29 7.91
CA TYR A 96 -4.23 9.37 6.91
C TYR A 96 -4.88 10.61 7.50
N CYS A 97 -4.29 11.77 7.23
CA CYS A 97 -5.00 13.03 7.46
C CYS A 97 -5.74 13.42 6.19
N ALA A 98 -6.82 14.18 6.32
CA ALA A 98 -7.55 14.58 5.12
C ALA A 98 -8.25 15.91 5.33
N ARG A 99 -8.43 16.66 4.24
CA ARG A 99 -9.24 17.87 4.30
C ARG A 99 -10.69 17.49 4.06
N VAL A 100 -11.59 18.09 4.84
CA VAL A 100 -13.02 17.79 4.71
C VAL A 100 -13.73 18.92 3.99
N GLN A 101 -14.53 18.59 2.99
CA GLN A 101 -15.31 19.58 2.27
C GLN A 101 -16.79 19.30 2.54
N ASN A 102 -17.59 20.35 2.76
CA ASN A 102 -19.02 20.14 2.92
C ASN A 102 -19.75 20.25 1.59
N ILE A 103 -20.94 19.66 1.53
CA ILE A 103 -21.72 19.70 0.32
C ILE A 103 -23.18 19.85 0.68
N VAL A 104 -23.87 20.76 -0.01
CA VAL A 104 -25.28 20.97 0.23
C VAL A 104 -26.12 19.98 -0.57
N VAL A 105 -26.88 19.15 0.12
CA VAL A 105 -27.67 18.12 -0.56
C VAL A 105 -29.11 18.64 -0.72
N VAL A 106 -30.10 17.95 -0.18
CA VAL A 106 -31.49 18.42 -0.29
C VAL A 106 -32.03 18.85 1.08
N PHE A 107 -32.08 17.89 2.00
CA PHE A 107 -32.55 18.18 3.36
C PHE A 107 -31.43 18.49 4.35
N THR A 108 -30.19 18.22 3.94
CA THR A 108 -29.04 18.28 4.84
C THR A 108 -27.81 18.81 4.12
N ILE A 109 -26.81 19.13 4.93
CA ILE A 109 -25.44 19.31 4.47
C ILE A 109 -24.70 17.99 4.78
N LYS A 110 -23.86 17.53 3.87
CA LYS A 110 -23.02 16.36 4.17
C LYS A 110 -21.57 16.74 3.89
N GLU A 111 -20.67 15.77 3.95
CA GLU A 111 -19.26 16.09 3.76
C GLU A 111 -18.45 14.92 3.25
N PHE A 112 -17.29 15.22 2.67
CA PHE A 112 -16.43 14.17 2.12
C PHE A 112 -14.97 14.54 2.28
N PHE A 113 -14.11 13.54 2.14
CA PHE A 113 -12.67 13.70 2.29
C PHE A 113 -12.06 13.99 0.94
N GLU A 114 -11.76 15.26 0.72
CA GLU A 114 -11.42 15.79 -0.59
C GLU A 114 -9.94 15.64 -0.94
N LEU A 115 -9.08 15.79 0.07
CA LEU A 115 -7.64 15.82 -0.14
C LEU A 115 -7.03 14.98 0.98
N TRP A 116 -6.06 14.13 0.64
CA TRP A 116 -5.49 13.19 1.60
C TRP A 116 -3.98 13.32 1.74
N GLY A 117 -3.47 13.08 2.94
CA GLY A 117 -2.03 12.96 3.11
C GLY A 117 -1.58 11.58 2.62
N GLN A 118 -0.28 11.31 2.60
CA GLN A 118 0.21 10.07 1.99
C GLN A 118 0.07 8.84 2.87
N GLY A 119 -0.20 9.04 4.16
CA GLY A 119 -0.36 7.96 5.10
C GLY A 119 0.90 7.72 5.92
N ALA A 120 0.72 7.30 7.17
CA ALA A 120 1.85 6.92 8.01
C ALA A 120 1.49 5.62 8.69
N LEU A 121 2.29 4.58 8.45
CA LEU A 121 2.07 3.30 9.11
C LEU A 121 2.60 3.38 10.53
N VAL A 122 1.70 3.28 11.51
CA VAL A 122 2.08 3.21 12.91
C VAL A 122 1.89 1.78 13.41
N THR A 123 2.97 1.18 13.88
CA THR A 123 2.92 -0.21 14.33
C THR A 123 3.00 -0.25 15.85
N VAL A 124 2.11 -1.02 16.48
CA VAL A 124 2.13 -1.13 17.92
C VAL A 124 2.56 -2.55 18.26
N SER A 125 3.69 -2.66 18.95
CA SER A 125 4.27 -3.99 19.19
C SER A 125 5.21 -3.97 20.39
N SER A 126 5.40 -5.15 21.00
CA SER A 126 6.37 -5.32 22.08
C SER A 126 7.78 -5.52 21.53
N ALA A 127 7.87 -5.80 20.24
CA ALA A 127 9.17 -6.01 19.62
C ALA A 127 9.89 -4.68 19.45
N SER A 128 11.22 -4.70 19.46
CA SER A 128 12.02 -3.50 19.28
C SER A 128 12.21 -3.15 17.82
N THR A 129 12.47 -1.87 17.54
CA THR A 129 12.86 -1.49 16.19
C THR A 129 14.20 -2.11 15.85
N LYS A 130 14.38 -2.44 14.57
CA LYS A 130 15.65 -2.97 14.10
C LYS A 130 15.88 -2.43 12.69
N GLY A 131 16.98 -1.70 12.49
CA GLY A 131 17.27 -1.16 11.17
C GLY A 131 17.86 -2.24 10.27
N PRO A 132 17.68 -2.08 8.96
CA PRO A 132 18.13 -3.11 8.01
C PRO A 132 19.63 -3.14 7.78
N SER A 133 20.13 -4.32 7.42
CA SER A 133 21.48 -4.43 6.85
C SER A 133 21.29 -4.36 5.35
N VAL A 134 22.07 -3.52 4.67
CA VAL A 134 21.89 -3.34 3.23
C VAL A 134 23.11 -3.85 2.46
N PHE A 135 22.86 -4.72 1.48
CA PHE A 135 23.94 -5.32 0.70
C PHE A 135 23.71 -5.05 -0.78
N PRO A 136 24.80 -4.81 -1.52
CA PRO A 136 24.67 -4.55 -2.96
C PRO A 136 24.47 -5.85 -3.72
N LEU A 137 23.68 -5.82 -4.78
CA LEU A 137 23.51 -6.97 -5.65
C LEU A 137 24.07 -6.59 -7.02
N ALA A 138 25.32 -6.96 -7.25
CA ALA A 138 26.07 -6.56 -8.45
C ALA A 138 25.43 -7.03 -9.75
N PRO A 139 25.53 -6.22 -10.82
CA PRO A 139 24.99 -6.61 -12.13
C PRO A 139 25.72 -7.81 -12.76
N GLY A 147 20.94 -4.79 -24.58
CA GLY A 147 21.72 -4.84 -23.36
C GLY A 147 21.08 -4.07 -22.23
N THR A 148 20.28 -4.76 -21.43
CA THR A 148 19.87 -4.22 -20.14
C THR A 148 20.43 -5.14 -19.08
N ALA A 149 21.01 -4.56 -18.03
CA ALA A 149 21.53 -5.35 -16.93
C ALA A 149 20.73 -5.05 -15.67
N ALA A 150 20.55 -6.06 -14.82
CA ALA A 150 19.85 -5.90 -13.56
C ALA A 150 20.83 -5.82 -12.38
N LEU A 151 20.68 -4.80 -11.55
CA LEU A 151 21.46 -4.70 -10.33
C LEU A 151 20.52 -4.28 -9.23
N GLY A 152 20.90 -4.46 -7.98
CA GLY A 152 19.96 -4.15 -6.93
C GLY A 152 20.54 -4.02 -5.55
N CYS A 153 19.66 -4.01 -4.56
CA CYS A 153 20.06 -3.91 -3.17
C CYS A 153 19.19 -4.82 -2.36
N LEU A 154 19.82 -5.56 -1.45
CA LEU A 154 19.12 -6.45 -0.55
C LEU A 154 18.99 -5.74 0.79
N VAL A 155 17.77 -5.65 1.30
CA VAL A 155 17.52 -4.92 2.53
C VAL A 155 17.05 -5.95 3.54
N LYS A 156 17.96 -6.36 4.41
CA LYS A 156 17.76 -7.58 5.20
C LYS A 156 17.43 -7.30 6.66
N ASP A 157 16.44 -8.03 7.19
CA ASP A 157 16.23 -8.15 8.63
C ASP A 157 15.90 -6.86 9.37
N TYR A 158 14.74 -6.26 9.04
CA TYR A 158 14.35 -5.01 9.69
C TYR A 158 12.98 -5.14 10.30
N PHE A 159 12.64 -4.21 11.19
CA PHE A 159 11.32 -4.17 11.80
C PHE A 159 11.09 -2.78 12.41
N PRO A 160 9.86 -2.22 12.25
CA PRO A 160 8.69 -2.70 11.53
C PRO A 160 8.74 -2.18 10.10
N GLU A 161 7.73 -2.46 9.30
CA GLU A 161 7.57 -1.76 8.04
C GLU A 161 7.38 -0.27 8.35
N PRO A 162 7.59 0.62 7.35
CA PRO A 162 8.00 0.35 5.98
C PRO A 162 9.45 0.75 5.72
N VAL A 163 9.95 0.28 4.57
CA VAL A 163 11.22 0.74 4.03
C VAL A 163 10.91 1.31 2.65
N THR A 164 11.55 2.43 2.30
CA THR A 164 11.43 2.95 0.94
C THR A 164 12.81 2.89 0.29
N VAL A 165 12.86 2.67 -1.01
CA VAL A 165 14.13 2.62 -1.73
C VAL A 165 14.02 3.53 -2.93
N SER A 166 15.02 4.38 -3.12
CA SER A 166 15.13 5.16 -4.34
C SER A 166 16.48 4.84 -4.93
N TRP A 167 16.75 5.32 -6.13
CA TRP A 167 18.05 5.09 -6.75
C TRP A 167 18.63 6.41 -7.18
N ASN A 168 19.91 6.61 -6.90
CA ASN A 168 20.59 7.85 -7.26
C ASN A 168 19.85 9.08 -6.76
N SER A 169 19.42 9.00 -5.50
CA SER A 169 18.72 10.09 -4.83
C SER A 169 17.42 10.48 -5.53
N GLY A 170 16.80 9.52 -6.18
CA GLY A 170 15.50 9.72 -6.80
C GLY A 170 15.57 10.16 -8.25
N ALA A 171 16.79 10.36 -8.74
CA ALA A 171 16.97 10.79 -10.13
C ALA A 171 16.65 9.65 -11.09
N LEU A 172 16.93 8.43 -10.66
CA LEU A 172 16.70 7.24 -11.47
C LEU A 172 15.41 6.56 -11.06
N THR A 173 14.42 6.53 -11.96
CA THR A 173 13.13 5.92 -11.65
C THR A 173 12.73 4.88 -12.70
N SER A 174 13.20 5.08 -13.93
CA SER A 174 12.91 4.14 -15.02
C SER A 174 13.56 2.78 -14.77
N GLY A 175 12.77 1.72 -14.88
CA GLY A 175 13.29 0.38 -14.71
C GLY A 175 13.52 -0.07 -13.27
N VAL A 176 13.08 0.75 -12.32
CA VAL A 176 13.20 0.40 -10.89
C VAL A 176 12.00 -0.45 -10.45
N HIS A 177 12.28 -1.57 -9.77
CA HIS A 177 11.20 -2.38 -9.22
C HIS A 177 11.57 -2.72 -7.78
N THR A 178 10.87 -2.13 -6.83
CA THR A 178 11.08 -2.46 -5.43
C THR A 178 10.01 -3.48 -5.04
N PHE A 179 10.45 -4.64 -4.55
CA PHE A 179 9.53 -5.74 -4.28
C PHE A 179 8.93 -5.65 -2.90
N PRO A 180 7.67 -6.10 -2.75
CA PRO A 180 7.10 -6.20 -1.41
C PRO A 180 7.94 -7.09 -0.51
N ALA A 181 8.02 -6.72 0.76
CA ALA A 181 8.86 -7.46 1.71
C ALA A 181 8.34 -8.83 2.03
N VAL A 182 9.25 -9.72 2.37
CA VAL A 182 8.87 -11.00 2.96
C VAL A 182 8.90 -10.86 4.48
N LEU A 183 7.91 -11.45 5.15
CA LEU A 183 7.94 -11.55 6.60
C LEU A 183 8.50 -12.92 6.97
N GLN A 184 9.68 -12.92 7.55
CA GLN A 184 10.38 -14.16 7.85
C GLN A 184 9.79 -14.80 9.11
N SER A 185 10.11 -16.07 9.33
CA SER A 185 9.63 -16.75 10.54
C SER A 185 10.16 -16.08 11.81
N SER A 186 11.29 -15.37 11.68
CA SER A 186 11.89 -14.68 12.82
C SER A 186 11.03 -13.50 13.26
N GLY A 187 10.16 -13.03 12.38
CA GLY A 187 9.34 -11.86 12.66
C GLY A 187 9.92 -10.60 12.03
N LEU A 188 11.11 -10.71 11.46
CA LEU A 188 11.74 -9.57 10.77
C LEU A 188 11.40 -9.58 9.28
N TYR A 189 11.52 -8.43 8.65
CA TYR A 189 11.24 -8.31 7.23
C TYR A 189 12.54 -8.24 6.43
N SER A 190 12.47 -8.64 5.16
CA SER A 190 13.53 -8.37 4.18
C SER A 190 12.86 -7.98 2.87
N LEU A 191 13.47 -7.07 2.11
CA LEU A 191 13.01 -6.81 0.75
C LEU A 191 14.20 -6.57 -0.17
N SER A 192 13.92 -6.55 -1.47
CA SER A 192 14.95 -6.18 -2.44
C SER A 192 14.42 -5.15 -3.42
N SER A 193 15.33 -4.37 -3.96
CA SER A 193 14.98 -3.43 -5.03
C SER A 193 15.92 -3.68 -6.18
N VAL A 194 15.37 -3.78 -7.39
CA VAL A 194 16.21 -4.02 -8.56
C VAL A 194 15.97 -2.94 -9.62
N VAL A 195 17.05 -2.51 -10.26
CA VAL A 195 16.91 -1.56 -11.35
C VAL A 195 17.53 -2.14 -12.60
N THR A 196 16.80 -2.02 -13.71
CA THR A 196 17.27 -2.50 -14.99
C THR A 196 17.84 -1.30 -15.75
N VAL A 197 19.10 -1.41 -16.16
CA VAL A 197 19.82 -0.29 -16.80
C VAL A 197 20.53 -0.75 -18.07
N PRO A 198 20.86 0.20 -18.98
CA PRO A 198 21.69 -0.17 -20.13
C PRO A 198 23.03 -0.77 -19.68
N SER A 199 23.37 -1.91 -20.24
CA SER A 199 24.63 -2.58 -19.91
C SER A 199 25.84 -1.77 -20.40
N SER A 200 25.66 -0.98 -21.44
CA SER A 200 26.76 -0.17 -21.95
C SER A 200 27.16 0.97 -21.00
N SER A 201 26.24 1.33 -20.10
CA SER A 201 26.44 2.44 -19.17
C SER A 201 27.21 2.05 -17.91
N LEU A 202 27.41 0.75 -17.70
CA LEU A 202 27.92 0.26 -16.43
C LEU A 202 29.30 0.80 -16.02
N GLY A 203 30.17 1.02 -16.99
CA GLY A 203 31.51 1.49 -16.69
C GLY A 203 31.62 2.97 -16.38
N THR A 204 30.58 3.74 -16.69
CA THR A 204 30.65 5.19 -16.57
C THR A 204 29.57 5.79 -15.68
N GLN A 205 28.53 5.02 -15.40
CA GLN A 205 27.42 5.50 -14.57
C GLN A 205 27.45 4.87 -13.19
N THR A 206 27.44 5.72 -12.16
CA THR A 206 27.40 5.26 -10.77
C THR A 206 25.97 4.95 -10.35
N TYR A 207 25.79 3.84 -9.65
CA TYR A 207 24.46 3.45 -9.17
C TYR A 207 24.47 3.25 -7.65
N ILE A 208 23.60 3.98 -6.98
CA ILE A 208 23.54 3.97 -5.51
C ILE A 208 22.09 3.78 -5.08
N CYS A 209 21.83 2.78 -4.25
CA CYS A 209 20.48 2.62 -3.74
C CYS A 209 20.37 3.37 -2.40
N ASN A 210 19.28 4.12 -2.23
CA ASN A 210 19.06 4.87 -1.01
C ASN A 210 17.94 4.21 -0.23
N VAL A 211 18.29 3.62 0.90
CA VAL A 211 17.33 2.81 1.65
C VAL A 211 16.95 3.52 2.93
N ASN A 212 15.69 3.94 3.04
CA ASN A 212 15.28 4.69 4.21
C ASN A 212 14.38 3.84 5.08
N HIS A 213 14.73 3.72 6.35
CA HIS A 213 13.90 3.02 7.33
C HIS A 213 13.57 4.05 8.41
N LYS A 214 12.56 4.86 8.15
CA LYS A 214 12.18 5.90 9.09
C LYS A 214 11.91 5.43 10.52
N PRO A 215 11.29 4.23 10.69
CA PRO A 215 11.02 3.90 12.10
C PRO A 215 12.28 3.76 12.97
N SER A 216 13.45 3.55 12.35
CA SER A 216 14.70 3.58 13.11
C SER A 216 15.59 4.82 12.82
N ASN A 217 15.03 5.81 12.13
CA ASN A 217 15.76 7.06 11.81
C ASN A 217 17.07 6.79 11.10
N THR A 218 17.06 5.76 10.26
CA THR A 218 18.30 5.27 9.63
C THR A 218 18.15 5.13 8.14
N LYS A 219 19.08 5.74 7.40
CA LYS A 219 19.07 5.65 5.96
C LYS A 219 20.45 5.19 5.51
N VAL A 220 20.49 4.28 4.55
CA VAL A 220 21.76 3.77 4.03
C VAL A 220 21.80 3.97 2.53
N ASP A 221 22.90 4.54 2.06
CA ASP A 221 23.12 4.70 0.62
C ASP A 221 24.24 3.78 0.20
N LYS A 222 23.91 2.73 -0.55
CA LYS A 222 24.87 1.70 -0.91
C LYS A 222 25.27 1.81 -2.36
N ARG A 223 26.56 1.94 -2.64
CA ARG A 223 27.07 1.94 -3.99
C ARG A 223 27.02 0.51 -4.53
N VAL A 224 26.46 0.35 -5.73
CA VAL A 224 26.38 -0.96 -6.34
C VAL A 224 27.24 -0.95 -7.59
N GLU A 225 28.26 -1.80 -7.62
CA GLU A 225 29.19 -1.81 -8.74
C GLU A 225 29.31 -3.19 -9.39
N PRO A 226 29.69 -3.23 -10.68
CA PRO A 226 30.09 -4.48 -11.31
C PRO A 226 31.27 -5.14 -10.59
N PRO B 2 -23.35 -4.98 9.87
CA PRO B 2 -22.93 -3.63 9.47
C PRO B 2 -24.00 -2.95 8.60
N VAL B 3 -24.08 -1.63 8.75
CA VAL B 3 -25.06 -0.81 8.03
C VAL B 3 -24.87 -0.87 6.52
N LEU B 4 -23.61 -0.96 6.09
CA LEU B 4 -23.27 -0.99 4.66
C LEU B 4 -22.56 -2.29 4.30
N THR B 5 -23.01 -2.92 3.21
CA THR B 5 -22.43 -4.18 2.73
C THR B 5 -22.01 -4.05 1.27
N GLN B 6 -20.75 -4.34 0.98
CA GLN B 6 -20.26 -4.41 -0.39
C GLN B 6 -19.76 -5.82 -0.67
N PRO B 7 -19.92 -6.30 -1.91
CA PRO B 7 -19.33 -7.59 -2.28
C PRO B 7 -17.81 -7.52 -2.18
N THR B 8 -17.18 -8.57 -1.67
CA THR B 8 -15.73 -8.56 -1.48
C THR B 8 -15.00 -8.39 -2.81
N PHE B 9 -15.49 -9.09 -3.83
CA PHE B 9 -14.88 -9.10 -5.14
C PHE B 9 -15.90 -8.83 -6.24
N LEU B 10 -15.43 -8.24 -7.34
CA LEU B 10 -16.25 -8.13 -8.54
C LEU B 10 -15.32 -8.21 -9.76
N SER B 11 -15.74 -8.99 -10.74
CA SER B 11 -15.02 -9.06 -12.01
C SER B 11 -15.91 -8.48 -13.10
N ALA B 12 -15.29 -7.82 -14.08
CA ALA B 12 -16.04 -7.23 -15.19
C ALA B 12 -15.17 -7.14 -16.43
N SER B 13 -15.81 -7.11 -17.59
CA SER B 13 -15.08 -7.12 -18.86
C SER B 13 -14.66 -5.72 -19.34
N PRO B 14 -13.50 -5.63 -20.00
CA PRO B 14 -13.00 -4.35 -20.53
C PRO B 14 -13.94 -3.77 -21.57
N GLY B 15 -14.18 -2.47 -21.49
CA GLY B 15 -15.05 -1.79 -22.45
C GLY B 15 -16.50 -1.83 -22.03
N ALA B 16 -16.83 -2.76 -21.14
CA ALA B 16 -18.20 -2.90 -20.64
C ALA B 16 -18.40 -1.99 -19.44
N SER B 17 -19.49 -2.20 -18.72
CA SER B 17 -19.75 -1.41 -17.53
C SER B 17 -19.63 -2.26 -16.28
N ALA B 18 -19.02 -1.70 -15.25
CA ALA B 18 -19.00 -2.35 -13.94
C ALA B 18 -20.10 -1.72 -13.10
N ARG B 19 -20.75 -2.54 -12.29
CA ARG B 19 -21.83 -2.07 -11.44
C ARG B 19 -21.50 -2.50 -10.02
N LEU B 20 -21.00 -1.55 -9.22
CA LEU B 20 -20.57 -1.84 -7.87
C LEU B 20 -21.65 -1.46 -6.88
N SER B 21 -22.04 -2.40 -6.03
CA SER B 21 -23.17 -2.14 -5.13
C SER B 21 -22.76 -1.90 -3.69
N CYS B 22 -23.54 -1.04 -3.04
CA CYS B 22 -23.38 -0.69 -1.64
C CYS B 22 -24.76 -0.87 -1.04
N THR B 23 -25.00 -2.02 -0.41
CA THR B 23 -26.34 -2.34 0.06
C THR B 23 -26.53 -1.86 1.49
N LEU B 24 -27.59 -1.09 1.72
CA LEU B 24 -27.92 -0.61 3.07
C LEU B 24 -28.79 -1.67 3.75
N SER B 25 -28.53 -1.91 5.03
CA SER B 25 -29.28 -2.93 5.75
C SER B 25 -30.75 -2.52 5.90
N SER B 26 -31.63 -3.51 6.09
CA SER B 26 -33.04 -3.20 6.32
C SER B 26 -33.22 -2.33 7.56
N GLY B 27 -34.19 -1.41 7.49
CA GLY B 27 -34.40 -0.48 8.58
C GLY B 27 -33.74 0.84 8.28
N ILE B 28 -32.88 0.83 7.25
CA ILE B 28 -32.23 2.03 6.73
C ILE B 28 -32.55 2.18 5.24
N ASN B 29 -33.26 3.25 4.89
CA ASN B 29 -33.76 3.46 3.53
C ASN B 29 -32.73 4.16 2.63
N VAL B 30 -32.34 3.52 1.53
CA VAL B 30 -31.32 4.10 0.64
C VAL B 30 -31.78 5.45 0.07
N GLY B 31 -33.09 5.64 -0.03
CA GLY B 31 -33.63 6.91 -0.47
C GLY B 31 -33.24 8.08 0.42
N SER B 32 -32.88 7.79 1.68
CA SER B 32 -32.61 8.84 2.67
C SER B 32 -31.14 9.21 2.82
N TYR B 33 -30.24 8.53 2.10
CA TYR B 33 -28.82 8.75 2.32
C TYR B 33 -28.03 9.20 1.09
N SER B 34 -27.09 10.12 1.30
CA SER B 34 -26.13 10.47 0.27
C SER B 34 -25.04 9.38 0.28
N ILE B 35 -24.70 8.86 -0.89
CA ILE B 35 -23.74 7.77 -0.99
C ILE B 35 -22.44 8.32 -1.55
N PHE B 36 -21.35 8.16 -0.81
CA PHE B 36 -20.04 8.69 -1.21
C PHE B 36 -19.18 7.53 -1.67
N TRP B 37 -18.35 7.75 -2.69
CA TRP B 37 -17.50 6.67 -3.21
C TRP B 37 -16.03 7.09 -3.26
N TYR B 38 -15.15 6.18 -2.88
CA TYR B 38 -13.72 6.41 -2.87
C TYR B 38 -13.03 5.26 -3.60
N GLN B 39 -11.96 5.56 -4.33
CA GLN B 39 -11.19 4.54 -5.04
C GLN B 39 -9.80 4.46 -4.44
N GLN B 40 -9.29 3.24 -4.22
CA GLN B 40 -7.93 3.13 -3.72
C GLN B 40 -7.09 2.12 -4.49
N LYS B 41 -5.96 2.59 -5.02
CA LYS B 41 -5.02 1.69 -5.69
C LYS B 41 -3.85 1.40 -4.75
N PRO B 42 -3.18 0.25 -4.95
CA PRO B 42 -2.06 -0.15 -4.10
C PRO B 42 -1.03 0.94 -3.92
N GLY B 43 -0.59 1.11 -2.67
CA GLY B 43 0.46 2.05 -2.34
C GLY B 43 -0.03 3.45 -2.06
N SER B 44 -1.23 3.78 -2.53
CA SER B 44 -1.68 5.16 -2.57
C SER B 44 -2.88 5.45 -1.67
N PRO B 45 -3.06 6.72 -1.27
CA PRO B 45 -4.23 7.08 -0.46
C PRO B 45 -5.51 7.01 -1.27
N PRO B 46 -6.65 6.81 -0.59
CA PRO B 46 -7.96 6.81 -1.23
C PRO B 46 -8.18 8.12 -1.97
N ARG B 47 -8.96 8.05 -3.05
CA ARG B 47 -9.27 9.17 -3.91
C ARG B 47 -10.79 9.33 -3.92
N TYR B 48 -11.28 10.52 -3.60
CA TYR B 48 -12.72 10.77 -3.66
C TYR B 48 -13.19 10.72 -5.12
N LEU B 49 -14.24 9.94 -5.40
CA LEU B 49 -14.75 9.82 -6.77
C LEU B 49 -15.95 10.71 -7.02
N LEU B 50 -16.99 10.53 -6.21
CA LEU B 50 -18.25 11.25 -6.42
C LEU B 50 -19.21 10.94 -5.27
N TYR B 51 -20.32 11.67 -5.23
CA TYR B 51 -21.41 11.27 -4.34
C TYR B 51 -22.71 11.33 -5.11
N TYR B 52 -23.69 10.55 -4.68
CA TYR B 52 -25.01 10.58 -5.31
C TYR B 52 -26.09 10.50 -4.24
N TYR B 53 -27.04 11.44 -4.28
CA TYR B 53 -28.24 11.36 -3.46
C TYR B 53 -29.45 11.16 -4.34
N SER B 54 -29.53 11.96 -5.40
CA SER B 54 -30.60 11.84 -6.39
C SER B 54 -30.12 12.38 -7.73
N ASP B 55 -30.94 12.26 -8.77
CA ASP B 55 -30.53 12.79 -10.08
C ASP B 55 -30.31 14.30 -10.03
N SER B 56 -30.99 14.95 -9.09
CA SER B 56 -30.93 16.39 -8.92
C SER B 56 -29.86 16.81 -7.92
N SER B 57 -29.31 15.82 -7.23
CA SER B 57 -28.35 16.13 -6.18
C SER B 57 -27.22 15.12 -6.16
N LYS B 58 -26.15 15.46 -6.87
CA LYS B 58 -25.01 14.58 -7.03
C LYS B 58 -23.85 15.45 -7.48
N TYR B 59 -22.62 15.00 -7.24
CA TYR B 59 -21.47 15.79 -7.66
C TYR B 59 -20.22 14.96 -7.86
N GLN B 60 -19.47 15.32 -8.89
CA GLN B 60 -18.29 14.55 -9.28
C GLN B 60 -17.07 15.10 -8.57
N GLY B 61 -16.20 14.20 -8.11
CA GLY B 61 -14.93 14.60 -7.54
C GLY B 61 -14.07 15.28 -8.58
N SER B 62 -13.26 16.24 -8.14
CA SER B 62 -12.33 16.93 -9.03
C SER B 62 -11.44 15.94 -9.77
N GLY B 63 -11.34 16.11 -11.09
CA GLY B 63 -10.47 15.28 -11.92
C GLY B 63 -10.94 13.86 -12.15
N VAL B 64 -12.17 13.54 -11.78
CA VAL B 64 -12.70 12.20 -11.98
C VAL B 64 -13.51 12.15 -13.28
N PRO B 65 -13.10 11.27 -14.21
CA PRO B 65 -13.74 11.19 -15.54
C PRO B 65 -15.22 10.81 -15.47
N SER B 66 -16.00 11.26 -16.45
CA SER B 66 -17.43 11.03 -16.44
C SER B 66 -17.82 9.55 -16.59
N ARG B 67 -16.83 8.72 -16.94
CA ARG B 67 -16.99 7.27 -16.95
C ARG B 67 -17.53 6.76 -15.62
N PHE B 68 -17.18 7.47 -14.55
CA PHE B 68 -17.65 7.14 -13.20
C PHE B 68 -18.92 7.92 -12.91
N SER B 69 -19.97 7.23 -12.50
CA SER B 69 -21.23 7.90 -12.15
C SER B 69 -21.88 7.14 -11.01
N GLY B 70 -22.83 7.79 -10.35
CA GLY B 70 -23.54 7.17 -9.25
C GLY B 70 -25.00 6.98 -9.54
N SER B 71 -25.62 6.04 -8.83
CA SER B 71 -27.05 5.83 -8.95
C SER B 71 -27.55 5.11 -7.71
N LYS B 72 -28.85 4.83 -7.67
CA LYS B 72 -29.43 4.04 -6.58
C LYS B 72 -30.35 2.98 -7.15
N ASP B 73 -30.44 1.85 -6.45
CA ASP B 73 -31.37 0.79 -6.83
C ASP B 73 -32.32 0.63 -5.67
N ALA B 74 -33.51 1.21 -5.78
CA ALA B 74 -34.46 1.23 -4.66
C ALA B 74 -34.90 -0.17 -4.23
N SER B 75 -35.18 -1.03 -5.21
CA SER B 75 -35.68 -2.37 -4.90
C SER B 75 -34.62 -3.21 -4.17
N ALA B 76 -33.34 -2.94 -4.44
CA ALA B 76 -32.26 -3.66 -3.77
C ALA B 76 -31.76 -2.89 -2.54
N ASN B 77 -32.36 -1.72 -2.28
CA ASN B 77 -31.91 -0.81 -1.22
C ASN B 77 -30.41 -0.52 -1.28
N ALA B 78 -29.91 -0.20 -2.47
CA ALA B 78 -28.48 -0.12 -2.67
C ALA B 78 -28.07 1.13 -3.41
N GLY B 79 -26.91 1.68 -3.04
CA GLY B 79 -26.27 2.72 -3.84
C GLY B 79 -25.40 2.02 -4.87
N LEU B 80 -25.22 2.64 -6.04
CA LEU B 80 -24.41 2.05 -7.09
C LEU B 80 -23.31 2.97 -7.56
N LEU B 81 -22.14 2.40 -7.81
CA LEU B 81 -21.10 3.08 -8.55
C LEU B 81 -21.00 2.40 -9.92
N LEU B 82 -21.23 3.16 -10.98
CA LEU B 82 -21.19 2.63 -12.34
C LEU B 82 -19.94 3.13 -13.04
N ILE B 83 -19.18 2.21 -13.64
CA ILE B 83 -17.97 2.58 -14.39
C ILE B 83 -18.10 2.10 -15.82
N SER B 84 -18.25 3.04 -16.75
CA SER B 84 -18.37 2.67 -18.16
C SER B 84 -17.01 2.73 -18.85
N GLY B 85 -16.92 2.12 -20.02
CA GLY B 85 -15.67 2.07 -20.77
C GLY B 85 -14.54 1.55 -19.91
N LEU B 86 -14.82 0.47 -19.19
CA LEU B 86 -13.88 -0.09 -18.21
C LEU B 86 -12.48 -0.33 -18.78
N GLN B 87 -11.49 0.25 -18.10
CA GLN B 87 -10.10 0.11 -18.49
C GLN B 87 -9.36 -0.77 -17.48
N SER B 88 -8.25 -1.37 -17.90
CA SER B 88 -7.43 -2.17 -17.00
C SER B 88 -7.00 -1.37 -15.77
N GLU B 89 -6.69 -0.10 -16.00
CA GLU B 89 -6.27 0.82 -14.94
C GLU B 89 -7.33 1.02 -13.85
N ASP B 90 -8.58 0.68 -14.13
CA ASP B 90 -9.64 0.81 -13.13
C ASP B 90 -9.59 -0.30 -12.05
N GLU B 91 -8.70 -1.28 -12.19
CA GLU B 91 -8.53 -2.26 -11.13
C GLU B 91 -8.09 -1.57 -9.86
N ALA B 92 -8.90 -1.69 -8.81
CA ALA B 92 -8.68 -0.99 -7.55
C ALA B 92 -9.66 -1.50 -6.51
N ASP B 93 -9.54 -1.01 -5.28
CA ASP B 93 -10.54 -1.23 -4.24
C ASP B 93 -11.45 0.00 -4.22
N TYR B 94 -12.75 -0.25 -4.10
CA TYR B 94 -13.73 0.82 -4.08
C TYR B 94 -14.52 0.77 -2.79
N TYR B 95 -14.58 1.89 -2.07
CA TYR B 95 -15.28 1.96 -0.80
C TYR B 95 -16.46 2.91 -0.92
N CYS B 96 -17.61 2.48 -0.43
CA CYS B 96 -18.73 3.40 -0.28
C CYS B 96 -18.76 3.91 1.17
N ALA B 97 -19.45 5.02 1.38
CA ALA B 97 -19.59 5.57 2.72
C ALA B 97 -20.86 6.38 2.82
N ILE B 98 -21.45 6.40 4.01
CA ILE B 98 -22.53 7.33 4.31
C ILE B 98 -22.26 7.99 5.64
N TRP B 99 -22.93 9.13 5.89
CA TRP B 99 -23.00 9.66 7.25
C TRP B 99 -24.25 9.11 7.90
N HIS B 100 -24.10 8.52 9.07
CA HIS B 100 -25.24 7.97 9.77
C HIS B 100 -25.08 8.19 11.27
N ASN B 101 -26.06 8.86 11.87
CA ASN B 101 -26.04 9.19 13.28
C ASN B 101 -24.70 9.85 13.72
N PHE B 102 -24.28 10.85 12.94
CA PHE B 102 -23.07 11.65 13.18
C PHE B 102 -21.75 10.95 12.88
N ALA B 103 -21.80 9.73 12.37
CA ALA B 103 -20.56 9.02 12.07
C ALA B 103 -20.37 8.73 10.59
N CYS B 104 -19.11 8.72 10.15
CA CYS B 104 -18.81 8.29 8.78
C CYS B 104 -18.69 6.77 8.81
N VAL B 105 -19.59 6.12 8.08
CA VAL B 105 -19.64 4.66 8.02
C VAL B 105 -19.11 4.22 6.68
N PHE B 106 -18.05 3.41 6.68
CA PHE B 106 -17.50 2.88 5.44
C PHE B 106 -18.00 1.46 5.17
N GLY B 107 -18.24 1.15 3.90
CA GLY B 107 -18.44 -0.25 3.49
C GLY B 107 -17.11 -0.97 3.57
N GLY B 108 -17.13 -2.31 3.48
CA GLY B 108 -15.91 -3.10 3.61
C GLY B 108 -14.98 -3.05 2.39
N GLY B 109 -15.47 -2.45 1.31
CA GLY B 109 -14.71 -2.35 0.07
C GLY B 109 -14.93 -3.51 -0.89
N THR B 110 -14.91 -3.19 -2.18
CA THR B 110 -14.96 -4.19 -3.24
C THR B 110 -13.67 -4.12 -4.05
N ARG B 111 -13.01 -5.26 -4.23
CA ARG B 111 -11.85 -5.32 -5.10
C ARG B 111 -12.31 -5.67 -6.52
N LEU B 112 -12.11 -4.72 -7.44
CA LEU B 112 -12.52 -4.90 -8.83
C LEU B 112 -11.41 -5.49 -9.68
N THR B 113 -11.72 -6.61 -10.33
CA THR B 113 -10.83 -7.22 -11.31
C THR B 113 -11.39 -6.94 -12.70
N VAL B 114 -10.53 -6.52 -13.62
CA VAL B 114 -10.94 -6.36 -15.02
C VAL B 114 -10.46 -7.57 -15.83
N LEU B 115 -11.42 -8.31 -16.39
CA LEU B 115 -11.15 -9.59 -17.05
C LEU B 115 -10.39 -9.43 -18.37
N GLY B 116 -9.95 -10.56 -18.93
CA GLY B 116 -9.35 -10.57 -20.25
C GLY B 116 -7.85 -10.33 -20.31
N GLN B 117 -7.19 -10.27 -19.16
CA GLN B 117 -5.74 -10.10 -19.14
C GLN B 117 -5.09 -11.40 -19.60
N PRO B 118 -4.10 -11.31 -20.50
CA PRO B 118 -3.44 -12.50 -21.04
C PRO B 118 -2.51 -13.21 -20.06
N LYS B 119 -2.37 -14.51 -20.23
CA LYS B 119 -1.44 -15.28 -19.42
C LYS B 119 -0.02 -14.83 -19.73
N ALA B 120 0.82 -14.79 -18.69
CA ALA B 120 2.18 -14.30 -18.84
C ALA B 120 3.12 -15.05 -17.92
N ALA B 121 4.24 -15.51 -18.48
CA ALA B 121 5.23 -16.27 -17.73
C ALA B 121 6.07 -15.33 -16.88
N PRO B 122 6.56 -15.83 -15.74
CA PRO B 122 7.37 -14.99 -14.85
C PRO B 122 8.73 -14.67 -15.45
N SER B 123 9.21 -13.45 -15.25
CA SER B 123 10.61 -13.14 -15.47
C SER B 123 11.30 -13.38 -14.14
N VAL B 124 12.44 -14.05 -14.18
CA VAL B 124 13.12 -14.42 -12.95
C VAL B 124 14.54 -13.91 -12.97
N THR B 125 14.93 -13.22 -11.90
CA THR B 125 16.31 -12.78 -11.73
C THR B 125 16.82 -13.35 -10.41
N LEU B 126 17.99 -13.99 -10.45
CA LEU B 126 18.54 -14.62 -9.26
C LEU B 126 19.92 -14.00 -8.94
N PHE B 127 20.08 -13.50 -7.72
CA PHE B 127 21.37 -12.94 -7.28
C PHE B 127 22.00 -13.86 -6.25
N PRO B 128 23.33 -14.04 -6.35
CA PRO B 128 24.09 -14.80 -5.36
C PRO B 128 24.39 -13.91 -4.15
N PRO B 129 24.97 -14.46 -3.07
CA PRO B 129 25.35 -13.64 -1.92
C PRO B 129 26.39 -12.59 -2.32
N SER B 130 26.31 -11.40 -1.75
CA SER B 130 27.33 -10.38 -1.96
C SER B 130 28.59 -10.72 -1.17
N SER B 131 29.73 -10.17 -1.60
CA SER B 131 30.98 -10.33 -0.87
C SER B 131 30.85 -9.76 0.52
N GLU B 132 30.11 -8.66 0.65
CA GLU B 132 29.95 -8.03 1.95
C GLU B 132 29.15 -8.91 2.91
N GLU B 133 28.09 -9.55 2.42
CA GLU B 133 27.32 -10.45 3.28
C GLU B 133 28.15 -11.67 3.72
N LEU B 134 28.87 -12.26 2.77
CA LEU B 134 29.72 -13.39 3.08
C LEU B 134 30.77 -13.03 4.14
N GLN B 135 31.27 -11.80 4.10
CA GLN B 135 32.24 -11.34 5.10
C GLN B 135 31.59 -11.24 6.48
N ALA B 136 30.29 -11.03 6.52
CA ALA B 136 29.55 -10.99 7.78
C ALA B 136 29.07 -12.38 8.20
N ASN B 137 29.62 -13.41 7.57
CA ASN B 137 29.34 -14.81 7.88
C ASN B 137 27.88 -15.19 7.66
N LYS B 138 27.28 -14.62 6.62
CA LYS B 138 25.93 -14.95 6.22
C LYS B 138 25.90 -15.08 4.71
N ALA B 139 24.81 -15.65 4.17
CA ALA B 139 24.66 -15.81 2.74
C ALA B 139 23.18 -15.91 2.41
N THR B 140 22.72 -15.07 1.49
CA THR B 140 21.32 -15.06 1.09
C THR B 140 21.24 -15.08 -0.44
N LEU B 141 20.51 -16.04 -1.00
CA LEU B 141 20.24 -16.05 -2.43
C LEU B 141 18.91 -15.34 -2.63
N VAL B 142 18.85 -14.45 -3.62
CA VAL B 142 17.66 -13.62 -3.82
C VAL B 142 17.01 -13.91 -5.15
N CYS B 143 15.78 -14.43 -5.12
CA CYS B 143 15.09 -14.80 -6.36
C CYS B 143 13.89 -13.89 -6.58
N LEU B 144 13.97 -13.04 -7.60
CA LEU B 144 12.98 -11.99 -7.83
C LEU B 144 12.15 -12.36 -9.05
N ILE B 145 10.83 -12.36 -8.87
CA ILE B 145 9.90 -12.91 -9.85
C ILE B 145 8.85 -11.87 -10.22
N SER B 146 8.75 -11.55 -11.51
CA SER B 146 7.92 -10.43 -11.93
C SER B 146 7.11 -10.69 -13.19
N ASP B 147 6.10 -9.84 -13.39
CA ASP B 147 5.32 -9.81 -14.62
C ASP B 147 4.64 -11.12 -14.99
N PHE B 148 4.13 -11.84 -14.01
CA PHE B 148 3.39 -13.06 -14.32
C PHE B 148 1.89 -12.87 -14.13
N TYR B 149 1.11 -13.66 -14.86
CA TYR B 149 -0.34 -13.63 -14.75
C TYR B 149 -0.90 -14.99 -15.16
N PRO B 150 -1.88 -15.52 -14.42
CA PRO B 150 -2.55 -15.03 -13.20
C PRO B 150 -1.58 -15.02 -12.01
N GLY B 151 -2.03 -14.52 -10.86
CA GLY B 151 -1.14 -14.30 -9.75
C GLY B 151 -0.94 -15.47 -8.81
N ALA B 152 -0.30 -16.51 -9.31
CA ALA B 152 0.02 -17.70 -8.50
C ALA B 152 1.30 -18.31 -9.05
N VAL B 153 2.25 -18.58 -8.16
CA VAL B 153 3.46 -19.32 -8.53
C VAL B 153 3.82 -20.22 -7.38
N THR B 154 4.62 -21.24 -7.66
CA THR B 154 5.29 -21.96 -6.57
C THR B 154 6.80 -21.88 -6.80
N VAL B 155 7.56 -21.86 -5.71
CA VAL B 155 9.01 -21.74 -5.82
C VAL B 155 9.67 -22.90 -5.10
N ALA B 156 10.68 -23.48 -5.75
CA ALA B 156 11.46 -24.56 -5.16
C ALA B 156 12.93 -24.22 -5.35
N TRP B 157 13.79 -24.71 -4.48
CA TRP B 157 15.21 -24.44 -4.58
C TRP B 157 15.98 -25.75 -4.66
N LYS B 158 17.11 -25.71 -5.36
CA LYS B 158 17.99 -26.88 -5.48
C LYS B 158 19.41 -26.50 -5.11
N ALA B 159 20.09 -27.41 -4.41
CA ALA B 159 21.52 -27.30 -4.21
C ALA B 159 22.12 -28.38 -5.10
N ASP B 160 22.89 -27.97 -6.10
CA ASP B 160 23.22 -28.85 -7.21
C ASP B 160 21.90 -29.44 -7.74
N SER B 161 21.68 -30.73 -7.53
CA SER B 161 20.48 -31.39 -8.02
C SER B 161 19.50 -31.78 -6.91
N SER B 162 19.84 -31.43 -5.67
CA SER B 162 19.05 -31.88 -4.53
C SER B 162 18.13 -30.78 -4.01
N PRO B 163 16.88 -31.13 -3.70
CA PRO B 163 15.91 -30.18 -3.13
C PRO B 163 16.40 -29.59 -1.80
N VAL B 164 16.21 -28.29 -1.63
CA VAL B 164 16.51 -27.61 -0.38
C VAL B 164 15.23 -26.96 0.13
N LYS B 165 14.75 -27.41 1.30
CA LYS B 165 13.53 -26.83 1.87
C LYS B 165 13.80 -25.90 3.04
N ALA B 166 14.88 -26.17 3.77
CA ALA B 166 15.23 -25.35 4.93
C ALA B 166 15.78 -23.99 4.51
N GLY B 167 15.43 -22.95 5.27
CA GLY B 167 15.95 -21.62 5.02
C GLY B 167 15.27 -20.88 3.88
N VAL B 168 14.13 -21.38 3.42
CA VAL B 168 13.40 -20.74 2.32
C VAL B 168 12.26 -19.86 2.84
N GLU B 169 12.23 -18.60 2.42
CA GLU B 169 11.12 -17.70 2.73
C GLU B 169 10.61 -17.09 1.43
N THR B 170 9.33 -17.27 1.16
CA THR B 170 8.74 -16.84 -0.12
C THR B 170 7.50 -15.99 0.11
N THR B 171 7.37 -14.88 -0.62
CA THR B 171 6.20 -14.03 -0.44
C THR B 171 4.99 -14.58 -1.18
N THR B 172 3.81 -14.10 -0.77
CA THR B 172 2.61 -14.30 -1.57
C THR B 172 2.72 -13.38 -2.77
N PRO B 173 2.09 -13.75 -3.89
CA PRO B 173 2.16 -12.83 -5.03
C PRO B 173 1.38 -11.56 -4.75
N SER B 174 1.85 -10.45 -5.28
CA SER B 174 1.20 -9.16 -5.07
C SER B 174 1.08 -8.43 -6.40
N LYS B 175 -0.03 -7.73 -6.58
CA LYS B 175 -0.31 -7.05 -7.84
C LYS B 175 0.66 -5.90 -8.08
N GLN B 176 1.26 -5.88 -9.27
CA GLN B 176 2.10 -4.76 -9.69
C GLN B 176 1.24 -3.61 -10.20
N SER B 177 1.87 -2.47 -10.47
CA SER B 177 1.16 -1.31 -10.99
C SER B 177 0.61 -1.59 -12.40
N ASN B 178 1.24 -2.52 -13.11
CA ASN B 178 0.79 -2.89 -14.45
C ASN B 178 -0.23 -4.02 -14.45
N ASN B 179 -0.72 -4.36 -13.25
CA ASN B 179 -1.77 -5.39 -13.06
C ASN B 179 -1.30 -6.83 -13.20
N LYS B 180 -0.02 -7.02 -13.50
CA LYS B 180 0.59 -8.33 -13.40
C LYS B 180 1.09 -8.51 -11.98
N TYR B 181 1.74 -9.63 -11.71
CA TYR B 181 2.10 -9.97 -10.34
C TYR B 181 3.58 -10.13 -10.10
N ALA B 182 3.98 -9.93 -8.84
CA ALA B 182 5.37 -10.04 -8.43
C ALA B 182 5.46 -10.88 -7.17
N ALA B 183 6.60 -11.55 -6.99
CA ALA B 183 6.86 -12.29 -5.78
C ALA B 183 8.36 -12.42 -5.63
N SER B 184 8.81 -12.81 -4.44
CA SER B 184 10.23 -13.04 -4.28
C SER B 184 10.46 -14.21 -3.34
N SER B 185 11.64 -14.81 -3.45
CA SER B 185 11.97 -15.94 -2.58
C SER B 185 13.41 -15.79 -2.15
N TYR B 186 13.68 -16.10 -0.89
CA TYR B 186 15.00 -15.91 -0.31
C TYR B 186 15.46 -17.24 0.28
N LEU B 187 16.69 -17.64 -0.05
CA LEU B 187 17.26 -18.85 0.54
C LEU B 187 18.44 -18.46 1.41
N SER B 188 18.34 -18.74 2.71
CA SER B 188 19.40 -18.44 3.65
C SER B 188 20.34 -19.61 3.80
N LEU B 189 21.63 -19.36 3.63
CA LEU B 189 22.66 -20.41 3.70
C LEU B 189 23.80 -19.95 4.58
N THR B 190 24.65 -20.88 5.02
CA THR B 190 25.94 -20.49 5.58
C THR B 190 26.92 -20.26 4.43
N PRO B 191 27.96 -19.44 4.66
CA PRO B 191 29.00 -19.30 3.63
C PRO B 191 29.60 -20.63 3.22
N GLU B 192 29.74 -21.54 4.18
CA GLU B 192 30.30 -22.86 3.91
C GLU B 192 29.42 -23.66 2.97
N GLN B 193 28.10 -23.64 3.23
CA GLN B 193 27.13 -24.29 2.36
C GLN B 193 27.16 -23.71 0.94
N TRP B 194 27.21 -22.39 0.87
CA TRP B 194 27.30 -21.70 -0.43
C TRP B 194 28.54 -22.16 -1.20
N LYS B 195 29.70 -22.20 -0.55
CA LYS B 195 30.94 -22.56 -1.22
C LYS B 195 31.10 -24.05 -1.54
N SER B 196 30.31 -24.90 -0.89
CA SER B 196 30.53 -26.34 -1.00
C SER B 196 29.75 -27.00 -2.15
N HIS B 197 28.91 -26.23 -2.82
CA HIS B 197 28.17 -26.75 -3.96
C HIS B 197 28.61 -26.12 -5.28
N ARG B 198 28.42 -26.85 -6.38
CA ARG B 198 28.75 -26.31 -7.70
C ARG B 198 27.81 -25.17 -8.05
N SER B 199 26.55 -25.30 -7.65
CA SER B 199 25.55 -24.28 -7.94
C SER B 199 24.29 -24.41 -7.09
N TYR B 200 23.48 -23.36 -7.11
CA TYR B 200 22.14 -23.38 -6.52
C TYR B 200 21.18 -22.88 -7.57
N SER B 201 19.93 -23.37 -7.54
CA SER B 201 18.93 -22.95 -8.50
C SER B 201 17.62 -22.53 -7.83
N CYS B 202 17.04 -21.46 -8.35
CA CYS B 202 15.68 -21.06 -7.99
C CYS B 202 14.75 -21.52 -9.12
N GLN B 203 13.70 -22.25 -8.78
CA GLN B 203 12.82 -22.83 -9.80
C GLN B 203 11.40 -22.33 -9.59
N VAL B 204 10.90 -21.59 -10.56
CA VAL B 204 9.61 -20.93 -10.40
C VAL B 204 8.61 -21.57 -11.33
N THR B 205 7.55 -22.14 -10.76
CA THR B 205 6.55 -22.85 -11.54
C THR B 205 5.29 -21.98 -11.65
N HIS B 206 4.77 -21.89 -12.86
CA HIS B 206 3.59 -21.07 -13.13
C HIS B 206 2.80 -21.73 -14.24
N GLU B 207 1.56 -22.11 -13.93
CA GLU B 207 0.70 -22.78 -14.90
C GLU B 207 1.35 -24.05 -15.46
N GLY B 208 2.02 -24.81 -14.60
CA GLY B 208 2.49 -26.13 -14.98
C GLY B 208 3.88 -26.15 -15.62
N SER B 209 4.37 -24.97 -15.98
CA SER B 209 5.69 -24.83 -16.59
C SER B 209 6.66 -24.07 -15.68
N THR B 210 7.95 -24.37 -15.82
CA THR B 210 8.92 -23.89 -14.84
C THR B 210 10.08 -23.11 -15.47
N VAL B 211 10.46 -22.00 -14.84
CA VAL B 211 11.65 -21.28 -15.23
C VAL B 211 12.68 -21.39 -14.11
N GLU B 212 13.88 -21.85 -14.45
CA GLU B 212 14.95 -22.04 -13.45
C GLU B 212 16.14 -21.14 -13.73
N LYS B 213 16.66 -20.49 -12.69
CA LYS B 213 17.88 -19.71 -12.79
C LYS B 213 18.92 -20.32 -11.88
N THR B 214 20.17 -20.26 -12.29
CA THR B 214 21.25 -20.87 -11.51
C THR B 214 22.35 -19.84 -11.21
N VAL B 215 22.92 -19.90 -10.01
CA VAL B 215 24.11 -19.11 -9.69
C VAL B 215 25.17 -20.00 -9.03
N ALA B 216 26.41 -19.56 -9.10
CA ALA B 216 27.52 -20.37 -8.59
C ALA B 216 28.53 -19.50 -7.85
N PRO B 217 29.23 -20.08 -6.87
CA PRO B 217 30.29 -19.37 -6.14
C PRO B 217 31.39 -18.89 -7.08
#